data_2PKS
#
_entry.id   2PKS
#
_cell.length_a   69.942
_cell.length_b   71.843
_cell.length_c   70.778
_cell.angle_alpha   90.000
_cell.angle_beta   100.230
_cell.angle_gamma   90.000
#
_symmetry.space_group_name_H-M   'C 1 2 1'
#
loop_
_entity.id
_entity.type
_entity.pdbx_description
1 polymer 'Thrombin light chain'
2 polymer 'Thrombin heavy chain fragment'
3 polymer 'Thrombin heavy chain fragment'
4 polymer Hirudin
5 non-polymer 'SODIUM ION'
6 non-polymer 4-({[4-(3-METHYLBENZOYL)PYRIDIN-2-YL]AMINO}METHYL)BENZENECARBOXIMIDAMIDE
7 water water
#
loop_
_entity_poly.entity_id
_entity_poly.type
_entity_poly.pdbx_seq_one_letter_code
_entity_poly.pdbx_strand_id
1 'polypeptide(L)' ADCGLRPLFEKKSLEDKTERELLESYI A
2 'polypeptide(L)'
;IVEGSDAEIGMSPWQVMLFRKSPQELLCGASLISDRWVLTAAHCLLYPPWDKNFTENDLLVRIGKHSRTRYERNIEKISM
LEKIYIHPRYNWRENLDRDIALMKLKKPVAFSDYIHPVCLPDRETAASLLQAGYKGRVTGWGNLKET
;
B
3 'polypeptide(L)'
;GQPSVLQVVNLPIVERPVCKDSTRIRITDNMFCAGYKPDEGKRGDACEGDSGGPFVMKSPFNNRWYQMGIVSWGEGCDRD
GKYGFYTHVFRLKKWIQKVIDQ
;
C
4 'polypeptide(L)' DFEEIPGE(TYS)L D
#
loop_
_chem_comp.id
_chem_comp.type
_chem_comp.name
_chem_comp.formula
G44 non-polymer 4-({[4-(3-METHYLBENZOYL)PYRIDIN-2-YL]AMINO}METHYL)BENZENECARBOXIMIDAMIDE 'C21 H20 N4 O'
NA non-polymer 'SODIUM ION' 'Na 1'
#
# COMPACT_ATOMS: atom_id res chain seq x y z
N ALA A 1 9.23 -18.62 -5.26
CA ALA A 1 8.93 -17.15 -5.12
C ALA A 1 10.17 -16.32 -4.85
N ASP A 2 10.35 -15.37 -5.75
CA ASP A 2 11.36 -14.33 -5.64
C ASP A 2 10.84 -13.10 -4.84
N CYS A 3 9.72 -13.28 -4.13
CA CYS A 3 8.99 -12.16 -3.54
C CYS A 3 9.96 -11.35 -2.72
N GLY A 4 9.80 -10.04 -2.67
CA GLY A 4 10.54 -9.22 -1.68
C GLY A 4 11.97 -8.80 -1.98
N LEU A 5 12.54 -9.39 -3.04
CA LEU A 5 13.88 -9.02 -3.55
C LEU A 5 13.83 -8.16 -4.79
N ARG A 6 14.30 -6.93 -4.68
CA ARG A 6 14.05 -5.95 -5.75
C ARG A 6 15.12 -6.06 -6.85
N PRO A 7 14.73 -6.21 -8.15
CA PRO A 7 15.85 -6.27 -9.13
C PRO A 7 16.90 -5.15 -9.03
N LEU A 8 16.54 -3.93 -8.69
CA LEU A 8 17.52 -2.81 -8.73
C LEU A 8 18.26 -2.61 -7.40
N PHE A 9 17.82 -3.28 -6.35
CA PHE A 9 18.42 -3.09 -5.04
C PHE A 9 19.03 -4.39 -4.49
N GLU A 10 18.23 -5.24 -3.82
CA GLU A 10 18.71 -6.47 -3.20
C GLU A 10 19.46 -7.37 -4.14
N LYS A 11 18.92 -7.61 -5.34
CA LYS A 11 19.59 -8.50 -6.32
C LYS A 11 20.91 -7.95 -6.90
N LYS A 12 21.15 -6.63 -6.79
CA LYS A 12 22.41 -5.98 -7.23
C LYS A 12 23.25 -5.65 -6.00
N SER A 13 22.76 -6.07 -4.83
CA SER A 13 23.31 -5.74 -3.51
C SER A 13 23.44 -4.25 -3.26
N LEU A 14 22.52 -3.47 -3.82
CA LEU A 14 22.39 -2.07 -3.45
C LEU A 14 21.36 -1.89 -2.35
N GLU A 15 21.50 -0.80 -1.60
CA GLU A 15 20.53 -0.31 -0.64
C GLU A 15 19.91 0.99 -1.15
N ASP A 16 18.63 1.23 -0.85
CA ASP A 16 18.10 2.57 -1.08
C ASP A 16 18.58 3.60 -0.01
N LYS A 17 18.30 4.87 -0.27
CA LYS A 17 18.66 6.00 0.59
C LYS A 17 18.14 5.86 2.02
N THR A 18 17.03 5.13 2.21
CA THR A 18 16.52 5.07 3.57
C THR A 18 16.29 3.71 4.19
N GLU A 19 16.42 2.61 3.46
CA GLU A 19 16.13 1.32 4.06
C GLU A 19 16.83 1.13 5.42
N ARG A 20 17.97 1.77 5.58
CA ARG A 20 18.79 1.63 6.79
C ARG A 20 18.07 2.23 8.04
N GLU A 21 17.25 3.27 7.83
CA GLU A 21 16.38 3.80 8.87
C GLU A 21 15.51 2.66 9.40
N LEU A 22 14.96 1.84 8.52
CA LEU A 22 14.13 0.71 8.96
C LEU A 22 14.86 -0.29 9.84
N LEU A 23 16.03 -0.77 9.39
CA LEU A 23 16.86 -1.74 10.12
C LEU A 23 17.36 -1.23 11.48
N GLU A 24 17.71 0.05 11.52
CA GLU A 24 18.05 0.68 12.78
C GLU A 24 16.94 0.50 13.80
N SER A 25 15.68 0.77 13.40
CA SER A 25 14.54 0.75 14.31
C SER A 25 14.33 -0.56 15.06
N TYR A 26 14.86 -1.67 14.54
CA TYR A 26 14.77 -2.95 15.21
C TYR A 26 15.69 -2.98 16.43
N ILE A 27 16.17 -1.80 16.86
CA ILE A 27 17.17 -1.61 17.95
C ILE A 27 17.45 -2.85 18.80
N ILE B 1 1.01 10.88 0.36
CA ILE B 1 2.00 10.98 1.48
C ILE B 1 2.30 12.45 1.84
N VAL B 2 2.19 12.75 3.12
CA VAL B 2 2.48 14.04 3.66
C VAL B 2 3.87 13.95 4.26
N GLU B 3 4.77 14.84 3.84
CA GLU B 3 6.15 14.91 4.42
C GLU B 3 7.04 13.72 4.11
N GLY B 4 7.05 13.30 2.83
CA GLY B 4 7.96 12.25 2.36
C GLY B 4 8.92 12.70 1.25
N SER B 5 9.58 11.73 0.60
CA SER B 5 10.55 12.03 -0.46
C SER B 5 10.04 11.43 -1.72
N ASP B 6 10.70 11.78 -2.82
CA ASP B 6 10.50 11.07 -4.06
C ASP B 6 11.11 9.71 -3.89
N ALA B 7 10.37 8.71 -4.32
CA ALA B 7 10.91 7.39 -4.32
C ALA B 7 12.08 7.34 -5.33
N GLU B 8 12.98 6.38 -5.14
CA GLU B 8 13.95 6.11 -6.18
C GLU B 8 13.38 5.14 -7.21
N ILE B 9 14.00 5.08 -8.40
CA ILE B 9 13.52 4.17 -9.43
C ILE B 9 13.70 2.75 -8.91
N GLY B 10 12.73 1.89 -9.14
CA GLY B 10 12.85 0.49 -8.72
C GLY B 10 12.71 0.27 -7.22
N MET B 11 12.45 1.32 -6.45
CA MET B 11 12.44 1.27 -4.96
C MET B 11 11.30 0.49 -4.34
N SER B 12 10.21 0.38 -5.10
CA SER B 12 8.97 -0.15 -4.61
C SER B 12 8.24 -0.91 -5.74
N PRO B 13 8.92 -1.92 -6.33
CA PRO B 13 8.49 -2.50 -7.61
C PRO B 13 7.14 -3.22 -7.59
N TRP B 14 6.50 -3.28 -6.41
CA TRP B 14 5.25 -4.02 -6.17
C TRP B 14 4.14 -3.00 -6.06
N GLN B 15 4.52 -1.72 -6.05
CA GLN B 15 3.56 -0.64 -6.01
C GLN B 15 2.75 -0.66 -7.30
N VAL B 16 1.43 -0.61 -7.11
CA VAL B 16 0.42 -0.67 -8.14
C VAL B 16 -0.46 0.60 -8.04
N MET B 17 -0.98 1.05 -9.17
CA MET B 17 -1.99 2.13 -9.21
C MET B 17 -3.32 1.56 -9.64
N LEU B 18 -4.35 1.81 -8.82
CA LEU B 18 -5.73 1.64 -9.27
C LEU B 18 -6.13 2.89 -10.02
N PHE B 19 -6.52 2.65 -11.25
CA PHE B 19 -6.76 3.75 -12.17
C PHE B 19 -8.17 3.60 -12.75
N ARG B 20 -8.89 4.70 -12.62
CA ARG B 20 -10.28 4.79 -13.06
C ARG B 20 -10.28 4.84 -14.61
N LYS B 21 -11.06 3.96 -15.26
CA LYS B 21 -11.32 4.10 -16.72
C LYS B 21 -12.17 5.34 -16.96
N SER B 22 -13.36 5.37 -16.33
CA SER B 22 -14.45 6.38 -16.58
C SER B 22 -14.02 7.86 -16.77
N PRO B 23 -13.93 8.71 -15.69
CA PRO B 23 -12.95 9.78 -15.91
C PRO B 23 -11.54 9.34 -15.49
N GLN B 24 -10.73 8.88 -16.46
CA GLN B 24 -9.29 8.56 -16.26
C GLN B 24 -8.56 9.32 -15.15
N GLU B 25 -8.23 8.62 -14.07
CA GLU B 25 -7.57 9.21 -12.89
C GLU B 25 -7.28 8.18 -11.77
N LEU B 26 -6.34 8.54 -10.89
CA LEU B 26 -5.96 7.73 -9.75
C LEU B 26 -7.10 7.49 -8.78
N LEU B 27 -7.36 6.20 -8.48
CA LEU B 27 -8.31 5.81 -7.42
C LEU B 27 -7.58 5.59 -6.11
N CYS B 28 -6.48 4.83 -6.17
CA CYS B 28 -5.92 4.18 -4.98
C CYS B 28 -4.61 3.54 -5.29
N GLY B 29 -3.93 3.10 -4.23
CA GLY B 29 -2.71 2.32 -4.33
C GLY B 29 -3.17 0.89 -4.28
N ALA B 30 -2.22 -0.01 -4.47
CA ALA B 30 -2.47 -1.42 -4.39
C ALA B 30 -1.07 -1.96 -4.49
N SER B 31 -0.91 -3.29 -4.40
CA SER B 31 0.38 -3.96 -4.36
C SER B 31 0.30 -5.30 -5.07
N LEU B 32 1.38 -5.64 -5.79
CA LEU B 32 1.48 -6.85 -6.55
C LEU B 32 2.07 -7.94 -5.65
N ILE B 33 1.39 -9.06 -5.55
CA ILE B 33 1.71 -10.11 -4.59
C ILE B 33 2.00 -11.45 -5.29
N SER B 34 1.69 -11.55 -6.58
CA SER B 34 2.08 -12.66 -7.45
C SER B 34 1.94 -12.13 -8.88
N ASP B 35 2.15 -13.00 -9.88
CA ASP B 35 2.05 -12.57 -11.27
C ASP B 35 0.61 -12.27 -11.70
N ARG B 36 -0.37 -12.75 -10.94
CA ARG B 36 -1.78 -12.47 -11.29
C ARG B 36 -2.64 -11.80 -10.18
N TRP B 37 -2.07 -11.59 -8.98
CA TRP B 37 -2.81 -11.10 -7.82
C TRP B 37 -2.34 -9.73 -7.27
N VAL B 38 -3.27 -8.80 -7.16
CA VAL B 38 -2.99 -7.46 -6.68
C VAL B 38 -3.84 -7.21 -5.44
N LEU B 39 -3.27 -6.63 -4.39
CA LEU B 39 -3.98 -6.42 -3.11
C LEU B 39 -4.25 -4.93 -2.87
N THR B 40 -5.42 -4.61 -2.32
CA THR B 40 -5.82 -3.21 -2.06
C THR B 40 -6.77 -3.09 -0.90
N ALA B 41 -7.11 -1.86 -0.54
CA ALA B 41 -8.06 -1.64 0.54
C ALA B 41 -9.45 -1.83 -0.03
N ALA B 42 -10.31 -2.57 0.69
CA ALA B 42 -11.70 -2.75 0.26
C ALA B 42 -12.42 -1.41 -0.01
N HIS B 43 -12.20 -0.39 0.84
CA HIS B 43 -12.83 0.92 0.63
C HIS B 43 -12.51 1.66 -0.68
N CYS B 44 -11.52 1.19 -1.43
CA CYS B 44 -11.27 1.81 -2.73
C CYS B 44 -12.32 1.32 -3.74
N LEU B 45 -12.86 0.14 -3.47
CA LEU B 45 -13.80 -0.50 -4.34
C LEU B 45 -15.20 -0.08 -3.90
N LEU B 46 -15.55 -0.46 -2.66
CA LEU B 46 -16.85 -0.25 -2.08
C LEU B 46 -16.81 0.72 -0.90
N TYR B 47 -17.29 1.95 -1.07
CA TYR B 47 -17.61 2.76 0.11
C TYR B 47 -18.85 3.63 -0.07
N PRO B 48 -20.01 3.08 0.32
CA PRO B 48 -21.33 3.67 0.07
C PRO B 48 -21.50 5.12 0.46
N PRO B 49 -21.10 5.53 1.68
CA PRO B 49 -21.21 6.93 2.02
C PRO B 49 -20.61 7.90 0.98
N TRP B 50 -19.83 7.36 0.07
CA TRP B 50 -19.07 8.19 -0.83
C TRP B 50 -19.31 7.77 -2.25
N ASP B 51 -20.31 6.91 -2.44
CA ASP B 51 -20.71 6.46 -3.76
C ASP B 51 -19.65 5.65 -4.47
N LYS B 52 -18.53 5.45 -3.80
CA LYS B 52 -17.41 4.65 -4.27
C LYS B 52 -17.98 3.25 -4.34
N ASN B 53 -18.10 2.71 -5.55
CA ASN B 53 -18.66 1.37 -5.78
C ASN B 53 -18.22 0.81 -7.14
N PHE B 54 -17.00 0.28 -7.19
CA PHE B 54 -16.36 0.02 -8.47
C PHE B 54 -16.33 -1.43 -8.80
N THR B 55 -16.56 -1.74 -10.08
CA THR B 55 -16.46 -3.12 -10.61
C THR B 55 -15.21 -3.27 -11.48
N GLU B 56 -14.92 -4.52 -11.84
CA GLU B 56 -13.94 -4.83 -12.90
C GLU B 56 -13.90 -3.81 -14.05
N ASN B 57 -15.01 -3.65 -14.76
CA ASN B 57 -15.06 -2.77 -15.93
C ASN B 57 -14.92 -1.24 -15.65
N ASP B 58 -14.78 -0.86 -14.38
CA ASP B 58 -14.51 0.53 -14.06
C ASP B 58 -13.02 0.73 -13.89
N LEU B 59 -12.25 -0.36 -13.76
CA LEU B 59 -10.86 -0.27 -13.30
C LEU B 59 -9.74 -0.84 -14.18
N LEU B 60 -8.67 -0.06 -14.27
CA LEU B 60 -7.35 -0.57 -14.66
C LEU B 60 -6.38 -0.54 -13.46
N VAL B 61 -5.55 -1.58 -13.37
CA VAL B 61 -4.32 -1.51 -12.55
C VAL B 61 -3.07 -1.15 -13.36
N ARG B 62 -2.31 -0.19 -12.88
CA ARG B 62 -1.12 0.24 -13.55
C ARG B 62 0.14 -0.12 -12.70
N ILE B 63 0.92 -1.10 -13.19
CA ILE B 63 2.09 -1.66 -12.52
C ILE B 63 3.46 -1.26 -13.14
N GLY B 64 4.36 -0.73 -12.34
CA GLY B 64 5.71 -0.44 -12.77
C GLY B 64 5.94 1.05 -12.74
N LYS B 65 5.04 1.75 -12.09
CA LYS B 65 5.02 3.18 -12.22
C LYS B 65 5.93 3.91 -11.22
N HIS B 66 6.44 5.06 -11.68
CA HIS B 66 7.12 6.05 -10.87
C HIS B 66 6.34 7.36 -10.97
N SER B 67 6.08 7.81 -12.19
CA SER B 67 5.36 9.09 -12.39
C SER B 67 3.88 8.86 -12.10
N ARG B 68 3.29 9.82 -11.40
CA ARG B 68 1.85 9.81 -11.14
C ARG B 68 1.04 9.96 -12.40
N THR B 69 1.33 11.01 -13.17
CA THR B 69 0.47 11.43 -14.31
C THR B 69 0.77 10.81 -15.70
N ARG B 70 2.06 10.64 -16.04
CA ARG B 70 2.43 10.14 -17.39
C ARG B 70 2.20 8.64 -17.65
N TYR B 71 2.03 8.26 -18.93
CA TYR B 71 2.02 6.87 -19.37
C TYR B 71 3.43 6.39 -19.65
N GLU B 72 4.05 5.76 -18.65
CA GLU B 72 5.44 5.35 -18.71
C GLU B 72 5.70 4.19 -19.68
N ARG B 73 5.89 4.58 -20.94
CA ARG B 73 5.91 3.67 -22.06
C ARG B 73 7.17 2.87 -21.92
N ASN B 74 7.08 1.60 -22.31
CA ASN B 74 8.21 0.67 -22.20
C ASN B 74 8.49 0.22 -20.74
N ILE B 75 7.96 0.94 -19.74
CA ILE B 75 8.20 0.64 -18.33
C ILE B 75 6.97 0.05 -17.62
N GLU B 76 5.81 0.71 -17.74
CA GLU B 76 4.60 0.22 -17.08
C GLU B 76 3.87 -0.82 -17.91
N LYS B 77 3.10 -1.65 -17.21
CA LYS B 77 2.19 -2.60 -17.84
C LYS B 77 0.78 -2.23 -17.28
N ILE B 78 -0.24 -2.22 -18.14
CA ILE B 78 -1.60 -1.92 -17.70
C ILE B 78 -2.39 -3.22 -17.79
N SER B 79 -2.98 -3.69 -16.69
CA SER B 79 -3.79 -4.90 -16.74
C SER B 79 -5.24 -4.59 -16.47
N MET B 80 -6.03 -5.62 -16.63
CA MET B 80 -7.47 -5.52 -16.55
C MET B 80 -7.87 -6.54 -15.52
N LEU B 81 -8.98 -6.30 -14.83
CA LEU B 81 -9.34 -7.14 -13.70
C LEU B 81 -10.29 -8.21 -14.16
N GLU B 82 -10.00 -9.46 -13.81
CA GLU B 82 -10.87 -10.59 -14.10
C GLU B 82 -11.86 -10.75 -12.96
N LYS B 83 -11.35 -10.77 -11.73
CA LYS B 83 -12.23 -10.96 -10.58
C LYS B 83 -11.82 -10.13 -9.33
N ILE B 84 -12.76 -9.33 -8.82
CA ILE B 84 -12.56 -8.58 -7.58
C ILE B 84 -13.28 -9.22 -6.42
N TYR B 85 -12.60 -9.24 -5.26
CA TYR B 85 -13.08 -9.84 -4.02
C TYR B 85 -12.91 -8.89 -2.88
N ILE B 86 -13.93 -8.79 -2.05
CA ILE B 86 -13.90 -7.90 -0.92
C ILE B 86 -14.24 -8.77 0.27
N HIS B 87 -13.50 -8.60 1.38
CA HIS B 87 -13.74 -9.40 2.58
C HIS B 87 -15.26 -9.39 2.89
N PRO B 88 -15.84 -10.58 3.16
CA PRO B 88 -17.25 -10.64 3.50
C PRO B 88 -17.59 -9.88 4.80
N ARG B 89 -16.76 -9.96 5.85
CA ARG B 89 -16.97 -9.15 7.06
C ARG B 89 -16.29 -7.76 7.03
N TYR B 90 -16.17 -7.15 5.87
CA TYR B 90 -15.60 -5.80 5.75
C TYR B 90 -16.54 -4.75 6.32
N ASN B 91 -16.18 -4.12 7.42
CA ASN B 91 -17.08 -3.12 8.03
C ASN B 91 -16.97 -1.68 7.50
N TRP B 92 -17.58 -1.42 6.36
CA TRP B 92 -17.58 -0.07 5.85
C TRP B 92 -18.49 0.83 6.65
N ARG B 93 -19.44 0.26 7.40
CA ARG B 93 -20.47 1.06 8.09
C ARG B 93 -19.95 1.75 9.30
N GLU B 94 -18.92 1.20 9.91
CA GLU B 94 -18.50 1.68 11.22
C GLU B 94 -17.05 2.16 11.21
N ASN B 95 -16.11 1.22 11.13
CA ASN B 95 -14.71 1.52 11.46
C ASN B 95 -13.71 0.99 10.43
N LEU B 96 -14.21 0.58 9.24
CA LEU B 96 -13.43 -0.06 8.16
C LEU B 96 -12.62 -1.29 8.62
N ASP B 97 -13.22 -2.13 9.45
CA ASP B 97 -12.51 -3.25 9.98
C ASP B 97 -12.44 -4.24 8.81
N ARG B 98 -11.31 -4.93 8.65
CA ARG B 98 -11.08 -5.88 7.52
C ARG B 98 -11.14 -5.13 6.21
N ASP B 99 -10.41 -4.02 6.11
CA ASP B 99 -10.36 -3.22 4.90
C ASP B 99 -9.36 -3.79 3.89
N ILE B 100 -9.80 -4.81 3.18
CA ILE B 100 -8.92 -5.60 2.30
C ILE B 100 -9.72 -6.14 1.11
N ALA B 101 -9.07 -6.20 -0.05
CA ALA B 101 -9.70 -6.70 -1.23
C ALA B 101 -8.56 -7.25 -2.04
N LEU B 102 -8.86 -8.37 -2.74
CA LEU B 102 -7.96 -9.02 -3.72
C LEU B 102 -8.47 -8.77 -5.12
N MET B 103 -7.56 -8.46 -6.05
CA MET B 103 -7.92 -8.18 -7.42
C MET B 103 -7.15 -9.13 -8.27
N LYS B 104 -7.85 -9.91 -9.11
CA LYS B 104 -7.23 -10.93 -9.99
C LYS B 104 -7.08 -10.37 -11.39
N LEU B 105 -5.88 -10.44 -11.96
CA LEU B 105 -5.71 -9.83 -13.28
C LEU B 105 -6.07 -10.81 -14.40
N LYS B 106 -6.56 -10.28 -15.52
CA LYS B 106 -6.89 -11.05 -16.74
C LYS B 106 -5.68 -11.87 -17.19
N LYS B 107 -4.63 -11.18 -17.64
CA LYS B 107 -3.40 -11.89 -18.06
C LYS B 107 -2.23 -11.62 -17.10
N PRO B 108 -1.38 -12.65 -16.86
CA PRO B 108 -0.20 -12.46 -16.00
C PRO B 108 0.68 -11.27 -16.40
N VAL B 109 1.27 -10.62 -15.41
CA VAL B 109 2.17 -9.55 -15.66
C VAL B 109 3.58 -10.15 -15.68
N ALA B 110 4.43 -9.66 -16.58
CA ALA B 110 5.79 -10.16 -16.65
C ALA B 110 6.70 -9.26 -15.83
N PHE B 111 7.49 -9.91 -14.97
CA PHE B 111 8.33 -9.20 -14.04
C PHE B 111 9.47 -8.57 -14.77
N SER B 112 10.14 -7.65 -14.08
CA SER B 112 11.11 -6.79 -14.73
C SER B 112 11.82 -6.09 -13.63
N ASP B 113 12.69 -5.16 -14.02
CA ASP B 113 13.39 -4.37 -13.09
C ASP B 113 12.40 -3.48 -12.30
N TYR B 114 11.22 -3.19 -12.88
CA TYR B 114 10.30 -2.19 -12.30
C TYR B 114 9.03 -2.79 -11.72
N ILE B 115 8.86 -4.10 -11.89
CA ILE B 115 7.64 -4.84 -11.54
C ILE B 115 8.01 -6.16 -10.85
N HIS B 116 7.66 -6.33 -9.56
CA HIS B 116 8.12 -7.48 -8.80
C HIS B 116 7.32 -7.63 -7.49
N PRO B 117 6.89 -8.84 -7.15
CA PRO B 117 5.98 -8.96 -6.01
C PRO B 117 6.58 -8.82 -4.60
N VAL B 118 5.82 -8.24 -3.69
CA VAL B 118 6.14 -8.24 -2.29
C VAL B 118 5.81 -9.64 -1.66
N CYS B 119 6.47 -9.98 -0.57
CA CYS B 119 6.12 -11.18 0.16
C CYS B 119 5.04 -10.81 1.14
N LEU B 120 4.26 -11.82 1.50
CA LEU B 120 3.34 -11.76 2.57
C LEU B 120 3.92 -12.45 3.83
N PRO B 121 3.67 -11.83 4.99
CA PRO B 121 4.19 -12.27 6.27
C PRO B 121 3.69 -13.65 6.64
N ASP B 122 4.59 -14.44 7.22
CA ASP B 122 4.25 -15.67 7.95
C ASP B 122 4.05 -15.28 9.44
N ARG B 123 3.47 -16.16 10.27
CA ARG B 123 3.26 -15.82 11.71
C ARG B 123 4.49 -15.31 12.41
N GLU B 124 5.64 -15.80 11.98
CA GLU B 124 6.89 -15.57 12.65
C GLU B 124 7.46 -14.22 12.24
N THR B 125 7.35 -13.88 10.95
CA THR B 125 7.79 -12.55 10.52
C THR B 125 6.88 -11.45 11.10
N ALA B 126 5.57 -11.65 11.07
CA ALA B 126 4.63 -10.79 11.82
C ALA B 126 5.01 -10.65 13.32
N ALA B 127 5.23 -11.81 13.95
CA ALA B 127 5.61 -11.95 15.38
C ALA B 127 6.78 -11.11 15.76
N SER B 128 7.76 -10.97 14.88
CA SER B 128 8.99 -10.25 15.25
C SER B 128 9.14 -8.85 14.69
N LEU B 129 8.36 -8.51 13.66
CA LEU B 129 8.52 -7.20 13.00
C LEU B 129 7.43 -6.25 13.38
N LEU B 130 6.25 -6.81 13.65
CA LEU B 130 5.10 -6.02 14.09
C LEU B 130 5.14 -5.64 15.58
N GLN B 131 6.05 -4.74 15.94
CA GLN B 131 6.16 -4.25 17.29
C GLN B 131 6.29 -2.74 17.37
N ALA B 132 5.79 -2.17 18.45
CA ALA B 132 5.79 -0.74 18.64
C ALA B 132 7.20 -0.24 18.47
N GLY B 133 7.38 0.86 17.74
CA GLY B 133 8.69 1.46 17.59
C GLY B 133 9.55 0.97 16.44
N TYR B 134 9.30 -0.25 15.98
CA TYR B 134 9.82 -0.68 14.67
C TYR B 134 9.14 0.11 13.55
N LYS B 135 9.97 0.60 12.64
CA LYS B 135 9.56 1.44 11.53
C LYS B 135 9.17 0.62 10.30
N GLY B 136 8.26 1.17 9.48
CA GLY B 136 7.76 0.50 8.28
C GLY B 136 7.72 1.56 7.22
N ARG B 137 7.43 1.19 6.00
CA ARG B 137 7.52 2.14 4.93
C ARG B 137 6.22 2.17 4.16
N VAL B 138 5.73 3.40 3.94
CA VAL B 138 4.51 3.61 3.19
C VAL B 138 4.86 4.40 1.92
N THR B 139 4.14 4.11 0.81
CA THR B 139 4.39 4.71 -0.51
C THR B 139 3.10 4.97 -1.30
N GLY B 140 3.02 6.06 -2.03
CA GLY B 140 1.80 6.39 -2.72
C GLY B 140 1.92 7.66 -3.53
N TRP B 141 0.86 7.96 -4.30
CA TRP B 141 0.75 9.13 -5.17
C TRP B 141 -0.42 9.97 -4.73
N GLY B 142 -0.81 9.81 -3.46
CA GLY B 142 -1.93 10.53 -2.89
C GLY B 142 -1.49 11.92 -2.48
N ASN B 143 -2.44 12.74 -2.06
CA ASN B 143 -2.17 14.13 -1.69
C ASN B 143 -0.89 14.31 -0.83
N LEU B 144 -0.14 15.38 -1.13
CA LEU B 144 1.01 15.85 -0.32
C LEU B 144 0.57 16.60 0.93
N LYS B 145 -0.65 17.12 0.87
CA LYS B 145 -1.24 17.95 1.92
C LYS B 145 -2.63 17.40 2.25
N GLU B 146 -3.21 17.79 3.38
CA GLU B 146 -4.63 17.50 3.65
C GLU B 146 -5.61 18.17 2.62
N THR B 147 -5.67 19.52 2.60
CA THR B 147 -6.22 20.37 1.50
C THR B 147 -5.98 21.89 1.79
N GLY C 1 -0.26 19.72 -3.24
CA GLY C 1 -1.33 19.20 -4.14
C GLY C 1 -1.18 17.69 -4.30
N GLN C 2 -0.97 17.25 -5.54
CA GLN C 2 -0.47 15.92 -5.79
C GLN C 2 1.06 16.02 -6.09
N PRO C 3 1.79 14.89 -5.96
CA PRO C 3 3.21 14.97 -6.35
C PRO C 3 3.33 14.50 -7.80
N SER C 4 4.44 14.76 -8.48
CA SER C 4 4.54 14.20 -9.86
C SER C 4 5.10 12.78 -9.89
N VAL C 5 5.84 12.40 -8.83
CA VAL C 5 6.34 11.02 -8.68
C VAL C 5 6.00 10.38 -7.31
N LEU C 6 5.95 9.03 -7.32
CA LEU C 6 5.65 8.20 -6.15
C LEU C 6 6.36 8.73 -4.95
N GLN C 7 5.64 8.85 -3.84
CA GLN C 7 6.27 9.34 -2.61
C GLN C 7 6.54 8.23 -1.61
N VAL C 8 7.50 8.43 -0.71
CA VAL C 8 7.81 7.40 0.28
C VAL C 8 8.05 8.03 1.65
N VAL C 9 7.64 7.32 2.70
CA VAL C 9 7.92 7.74 4.07
C VAL C 9 8.05 6.51 5.02
N ASN C 10 9.06 6.55 5.89
CA ASN C 10 9.23 5.54 6.89
C ASN C 10 8.58 6.00 8.15
N LEU C 11 7.91 5.11 8.85
CA LEU C 11 7.06 5.52 9.94
C LEU C 11 7.11 4.47 11.03
N PRO C 12 7.14 4.87 12.31
CA PRO C 12 7.18 3.82 13.33
C PRO C 12 5.79 3.33 13.72
N ILE C 13 5.63 2.01 13.85
CA ILE C 13 4.43 1.40 14.41
C ILE C 13 4.21 1.87 15.86
N VAL C 14 2.96 2.12 16.24
CA VAL C 14 2.67 2.72 17.57
C VAL C 14 1.90 1.74 18.46
N GLU C 15 2.11 1.85 19.78
CA GLU C 15 1.51 0.93 20.76
C GLU C 15 -0.01 0.98 20.62
N ARG C 16 -0.66 -0.17 20.76
CA ARG C 16 -2.12 -0.28 20.68
C ARG C 16 -2.99 0.80 21.43
N PRO C 17 -2.67 1.11 22.73
CA PRO C 17 -3.54 2.07 23.49
C PRO C 17 -3.30 3.52 23.10
N VAL C 18 -2.15 3.83 22.55
CA VAL C 18 -1.92 5.17 22.02
C VAL C 18 -2.76 5.32 20.75
N CYS C 19 -2.84 4.23 19.97
CA CYS C 19 -3.66 4.18 18.76
C CYS C 19 -5.12 4.46 19.15
N LYS C 20 -5.65 3.63 20.06
CA LYS C 20 -7.05 3.71 20.57
C LYS C 20 -7.42 5.09 21.14
N ASP C 21 -6.51 5.63 21.93
CA ASP C 21 -6.62 6.95 22.54
C ASP C 21 -6.50 8.19 21.64
N SER C 22 -6.16 8.01 20.38
CA SER C 22 -5.98 9.13 19.47
C SER C 22 -7.27 9.38 18.72
N THR C 23 -8.29 8.57 18.99
CA THR C 23 -9.50 8.61 18.18
C THR C 23 -10.73 8.07 18.89
N ARG C 24 -11.87 8.50 18.37
CA ARG C 24 -13.17 8.02 18.79
C ARG C 24 -13.55 6.79 18.02
N ILE C 25 -12.90 6.53 16.88
CA ILE C 25 -13.26 5.36 16.08
C ILE C 25 -12.81 4.02 16.75
N ARG C 26 -13.72 3.06 16.80
CA ARG C 26 -13.41 1.82 17.48
C ARG C 26 -12.35 0.99 16.69
N ILE C 27 -11.20 0.77 17.34
CA ILE C 27 -10.03 0.11 16.76
C ILE C 27 -10.17 -1.40 16.96
N THR C 28 -9.82 -2.19 15.92
CA THR C 28 -9.89 -3.67 16.00
C THR C 28 -8.52 -4.29 15.88
N ASP C 29 -8.48 -5.59 16.06
CA ASP C 29 -7.22 -6.35 16.01
C ASP C 29 -6.68 -6.53 14.58
N ASN C 30 -7.52 -6.28 13.59
CA ASN C 30 -7.08 -6.29 12.18
C ASN C 30 -6.62 -4.90 11.74
N MET C 31 -6.08 -4.13 12.68
CA MET C 31 -5.59 -2.78 12.40
C MET C 31 -4.40 -2.56 13.23
N PHE C 32 -3.43 -1.84 12.69
CA PHE C 32 -2.42 -1.23 13.55
C PHE C 32 -2.30 0.24 13.14
N CYS C 33 -1.69 1.08 13.99
CA CYS C 33 -1.46 2.44 13.57
C CYS C 33 0.01 2.72 13.46
N ALA C 34 0.34 3.78 12.77
CA ALA C 34 1.72 4.18 12.65
C ALA C 34 1.83 5.68 12.46
N GLY C 35 2.96 6.22 12.90
CA GLY C 35 3.19 7.66 12.82
C GLY C 35 4.10 8.06 13.95
N TYR C 36 4.63 9.26 13.83
CA TYR C 36 5.40 9.84 14.92
C TYR C 36 4.49 10.46 16.00
N LYS C 37 4.89 10.27 17.27
CA LYS C 37 4.18 10.82 18.43
C LYS C 37 4.37 12.33 18.37
N PRO C 38 3.48 13.10 19.02
CA PRO C 38 3.52 14.55 18.69
C PRO C 38 4.86 15.14 19.12
N ASP C 39 5.40 14.60 20.23
CA ASP C 39 6.63 15.09 20.78
C ASP C 39 7.76 14.82 19.77
N GLU C 40 8.02 13.54 19.50
CA GLU C 40 9.05 13.11 18.53
C GLU C 40 9.42 14.16 17.51
N GLY C 41 8.46 14.91 16.99
CA GLY C 41 8.77 16.01 16.09
C GLY C 41 9.03 15.70 14.61
N LYS C 42 9.36 14.44 14.28
CA LYS C 42 9.34 14.01 12.85
C LYS C 42 7.87 13.87 12.41
N ARG C 43 7.53 14.41 11.26
CA ARG C 43 6.18 14.31 10.76
C ARG C 43 6.06 13.11 9.76
N GLY C 44 5.04 13.14 8.91
CA GLY C 44 4.78 12.03 7.99
C GLY C 44 3.51 11.19 8.20
N ASP C 45 2.80 10.96 7.11
CA ASP C 45 1.61 10.15 7.20
C ASP C 45 1.21 9.76 5.79
N ALA C 46 0.36 8.76 5.67
CA ALA C 46 -0.45 8.57 4.49
C ALA C 46 -1.61 9.60 4.46
N CYS C 47 -2.33 9.64 3.34
CA CYS C 47 -3.36 10.63 3.09
C CYS C 47 -4.27 10.12 1.93
N GLU C 48 -5.26 10.94 1.58
CA GLU C 48 -6.25 10.66 0.55
C GLU C 48 -5.50 10.33 -0.72
N GLY C 49 -5.95 9.34 -1.49
CA GLY C 49 -5.19 8.83 -2.62
C GLY C 49 -4.19 7.69 -2.33
N ASP C 50 -3.60 7.64 -1.11
CA ASP C 50 -2.64 6.58 -0.70
C ASP C 50 -3.29 5.25 -0.28
N SER C 51 -4.59 5.30 0.07
CA SER C 51 -5.43 4.13 0.40
C SER C 51 -5.13 2.94 -0.47
N GLY C 52 -5.20 1.72 0.06
CA GLY C 52 -4.82 0.54 -0.73
C GLY C 52 -3.33 0.26 -0.99
N GLY C 53 -2.44 1.24 -0.91
CA GLY C 53 -1.00 0.95 -1.01
C GLY C 53 -0.38 0.05 0.06
N PRO C 54 0.91 -0.32 -0.12
CA PRO C 54 1.56 -1.18 0.88
C PRO C 54 2.26 -0.46 2.02
N PHE C 55 1.99 -0.91 3.24
CA PHE C 55 2.90 -0.70 4.33
C PHE C 55 3.83 -1.97 4.41
N VAL C 56 5.12 -1.77 4.16
CA VAL C 56 6.07 -2.85 3.98
C VAL C 56 7.13 -2.72 5.04
N MET C 57 7.76 -3.85 5.39
CA MET C 57 8.94 -3.88 6.29
C MET C 57 9.98 -4.79 5.72
N LYS C 58 11.24 -4.44 5.84
CA LYS C 58 12.32 -5.26 5.28
C LYS C 58 12.77 -6.23 6.34
N SER C 59 12.71 -7.53 6.08
CA SER C 59 13.15 -8.51 7.06
C SER C 59 14.69 -8.52 7.24
N PRO C 60 15.16 -8.34 8.50
CA PRO C 60 16.59 -8.39 8.72
C PRO C 60 17.18 -9.80 8.79
N PHE C 61 16.37 -10.85 8.67
CA PHE C 61 16.82 -12.22 8.78
C PHE C 61 17.04 -12.74 7.37
N ASN C 62 16.20 -12.28 6.42
CA ASN C 62 16.36 -12.72 5.02
C ASN C 62 16.47 -11.67 3.91
N ASN C 63 16.59 -10.39 4.32
CA ASN C 63 16.65 -9.23 3.41
C ASN C 63 15.47 -9.00 2.42
N ARG C 64 14.32 -9.59 2.72
CA ARG C 64 13.16 -9.57 1.85
C ARG C 64 12.11 -8.58 2.36
N TRP C 65 11.45 -7.87 1.45
CA TRP C 65 10.42 -6.93 1.86
C TRP C 65 9.12 -7.64 2.10
N TYR C 66 8.50 -7.33 3.24
CA TYR C 66 7.20 -7.94 3.59
C TYR C 66 6.10 -6.88 3.62
N GLN C 67 4.90 -7.22 3.17
CA GLN C 67 3.81 -6.27 3.37
C GLN C 67 3.04 -6.61 4.64
N MET C 68 3.21 -5.78 5.68
CA MET C 68 2.51 -5.99 6.95
C MET C 68 1.14 -5.32 7.03
N GLY C 69 0.98 -4.21 6.33
CA GLY C 69 -0.29 -3.48 6.34
C GLY C 69 -0.70 -2.94 4.98
N ILE C 70 -1.99 -2.64 4.89
CA ILE C 70 -2.61 -1.96 3.75
C ILE C 70 -3.00 -0.56 4.23
N VAL C 71 -2.55 0.49 3.53
CA VAL C 71 -2.90 1.89 3.85
C VAL C 71 -4.42 1.99 3.90
N SER C 72 -4.98 2.39 5.04
CA SER C 72 -6.42 2.31 5.19
C SER C 72 -7.04 3.63 5.52
N TRP C 73 -6.89 4.12 6.76
CA TRP C 73 -7.62 5.31 7.20
C TRP C 73 -6.87 6.16 8.18
N GLY C 74 -7.30 7.42 8.24
CA GLY C 74 -6.78 8.41 9.19
C GLY C 74 -7.75 9.59 9.31
N GLU C 75 -7.65 10.31 10.42
CA GLU C 75 -8.50 11.50 10.60
C GLU C 75 -7.71 12.73 10.16
N GLY C 76 -7.90 13.11 8.92
CA GLY C 76 -7.03 14.11 8.34
C GLY C 76 -5.61 13.58 8.18
N CYS C 77 -4.73 14.36 7.55
CA CYS C 77 -3.37 13.93 7.34
C CYS C 77 -2.37 14.73 8.21
N ASP C 78 -1.49 14.01 8.88
CA ASP C 78 -0.33 14.56 9.56
C ASP C 78 -0.63 15.58 10.66
N ARG C 79 -1.55 15.21 11.55
CA ARG C 79 -1.89 16.00 12.73
C ARG C 79 -1.27 15.36 13.98
N ASP C 80 -0.92 16.19 14.96
CA ASP C 80 -0.23 15.68 16.15
C ASP C 80 -1.19 14.95 17.05
N GLY C 81 -0.65 13.93 17.71
CA GLY C 81 -1.46 13.07 18.55
C GLY C 81 -2.44 12.21 17.77
N LYS C 82 -2.47 12.34 16.43
CA LYS C 82 -3.24 11.46 15.52
C LYS C 82 -2.28 10.48 14.80
N TYR C 83 -2.80 9.35 14.28
CA TYR C 83 -1.96 8.34 13.56
C TYR C 83 -2.62 7.74 12.33
N GLY C 84 -1.85 7.33 11.34
CA GLY C 84 -2.38 6.57 10.22
C GLY C 84 -2.77 5.16 10.59
N PHE C 85 -3.90 4.67 10.08
CA PHE C 85 -4.29 3.28 10.34
C PHE C 85 -4.14 2.35 9.11
N TYR C 86 -3.77 1.07 9.36
CA TYR C 86 -3.40 0.07 8.33
C TYR C 86 -4.14 -1.24 8.56
N THR C 87 -4.53 -1.92 7.47
CA THR C 87 -5.11 -3.26 7.61
C THR C 87 -4.03 -4.27 7.99
N HIS C 88 -4.25 -4.99 9.09
CA HIS C 88 -3.28 -5.98 9.55
C HIS C 88 -3.30 -7.14 8.55
N VAL C 89 -2.32 -7.17 7.65
CA VAL C 89 -2.32 -8.15 6.58
C VAL C 89 -2.26 -9.57 7.10
N PHE C 90 -1.40 -9.83 8.09
CA PHE C 90 -1.23 -11.16 8.60
C PHE C 90 -2.48 -11.70 9.29
N ARG C 91 -3.19 -10.88 10.08
CA ARG C 91 -4.44 -11.33 10.73
C ARG C 91 -5.41 -11.80 9.68
N LEU C 92 -5.29 -11.29 8.46
CA LEU C 92 -6.24 -11.65 7.41
C LEU C 92 -5.64 -12.61 6.38
N LYS C 93 -4.48 -13.24 6.69
CA LYS C 93 -3.85 -14.25 5.80
C LYS C 93 -4.70 -15.50 5.43
N LYS C 94 -5.44 -16.08 6.38
CA LYS C 94 -6.30 -17.20 6.06
C LYS C 94 -7.26 -16.83 4.92
N TRP C 95 -7.86 -15.65 4.99
CA TRP C 95 -8.79 -15.25 3.94
C TRP C 95 -8.11 -15.10 2.59
N ILE C 96 -6.89 -14.53 2.62
CA ILE C 96 -6.07 -14.31 1.44
C ILE C 96 -5.77 -15.68 0.80
N GLN C 97 -5.30 -16.62 1.61
CA GLN C 97 -5.13 -18.00 1.15
C GLN C 97 -6.40 -18.58 0.56
N LYS C 98 -7.48 -18.55 1.34
CA LYS C 98 -8.74 -19.01 0.83
C LYS C 98 -8.97 -18.45 -0.57
N VAL C 99 -8.93 -17.12 -0.76
CA VAL C 99 -9.26 -16.57 -2.11
C VAL C 99 -8.35 -16.99 -3.28
N ILE C 100 -7.12 -17.41 -2.96
CA ILE C 100 -6.15 -17.74 -4.01
C ILE C 100 -6.24 -19.17 -4.54
N ASP C 101 -6.59 -20.14 -3.68
CA ASP C 101 -6.83 -21.52 -4.12
C ASP C 101 -7.96 -21.61 -5.18
N GLN C 102 -9.16 -21.14 -4.81
CA GLN C 102 -10.13 -20.54 -5.75
C GLN C 102 -11.51 -20.59 -5.14
N ASP D 1 -5.05 16.28 -15.19
CA ASP D 1 -3.56 16.30 -15.40
C ASP D 1 -2.98 14.95 -15.89
N PHE D 2 -3.84 13.95 -16.00
CA PHE D 2 -3.41 12.58 -16.30
C PHE D 2 -3.26 12.32 -17.79
N GLU D 3 -2.03 12.39 -18.27
CA GLU D 3 -1.70 11.94 -19.62
C GLU D 3 -2.59 10.77 -20.09
N GLU D 4 -3.26 11.01 -21.23
CA GLU D 4 -3.95 10.00 -22.00
C GLU D 4 -3.11 8.71 -22.01
N ILE D 5 -3.77 7.57 -21.84
CA ILE D 5 -3.12 6.27 -21.93
C ILE D 5 -3.62 5.59 -23.19
N PRO D 6 -2.73 4.84 -23.91
CA PRO D 6 -3.09 4.08 -25.11
C PRO D 6 -4.54 3.59 -25.16
N GLY D 7 -5.13 3.64 -26.36
CA GLY D 7 -6.51 3.25 -26.58
C GLY D 7 -6.74 1.76 -26.52
N GLU D 8 -5.67 0.98 -26.79
CA GLU D 8 -5.73 -0.50 -26.80
C GLU D 8 -6.27 -1.09 -25.50
N TYS D 9 -6.06 -0.35 -24.40
CA TYS D 9 -6.52 -0.73 -23.04
CB TYS D 9 -5.55 -0.09 -21.99
CG TYS D 9 -4.12 -0.57 -22.18
CD1 TYS D 9 -3.82 -1.93 -22.12
CD2 TYS D 9 -3.07 0.32 -22.42
CE1 TYS D 9 -2.53 -2.42 -22.30
CE2 TYS D 9 -1.76 -0.17 -22.60
CZ TYS D 9 -1.47 -1.54 -22.52
OH TYS D 9 -0.20 -2.07 -22.73
S TYS D 9 0.91 -1.97 -21.65
O1 TYS D 9 1.21 -0.55 -21.39
O2 TYS D 9 0.42 -2.77 -20.54
O3 TYS D 9 2.08 -2.64 -22.18
C TYS D 9 -8.01 -0.41 -22.84
O TYS D 9 -8.47 -0.25 -21.73
N LEU D 10 -8.75 -0.35 -23.96
CA LEU D 10 -10.21 0.00 -24.05
C LEU D 10 -10.61 1.29 -23.32
NA NA E . 0.03 12.03 12.69
C1 G44 F . -16.05 7.63 10.51
C2 G44 F . -14.64 7.33 10.04
C3 G44 F . -14.07 6.11 10.37
C4 G44 F . -12.80 5.78 9.96
C5 G44 F . -12.07 6.66 9.19
C6 G44 F . -12.60 7.89 8.83
C7 G44 F . -13.93 8.22 9.26
C8 G44 F . -11.89 8.75 7.85
O9 G44 F . -11.77 9.95 7.95
C10 G44 F . -11.57 8.08 6.53
C11 G44 F . -12.68 7.44 5.90
C12 G44 F . -12.52 6.79 4.69
N13 G44 F . -11.33 6.81 4.08
C14 G44 F . -10.22 7.45 4.51
N15 G44 F . -9.05 7.30 3.68
C16 G44 F . -7.95 8.23 3.18
C17 G44 F . -6.78 8.28 4.15
C18 G44 F . -6.83 9.34 4.99
C19 G44 F . -5.92 9.50 5.99
C20 G44 F . -4.94 8.55 6.15
C21 G44 F . -4.83 7.45 5.30
C22 G44 F . -5.78 7.33 4.26
C23 G44 F . -4.00 8.86 7.24
N24 G44 F . -4.17 9.98 7.86
N25 G44 F . -2.98 8.02 7.64
C26 G44 F . -10.32 8.07 5.81
#